data_3ZFK
#
_entry.id   3ZFK
#
_cell.length_a   55.400
_cell.length_b   55.400
_cell.length_c   73.200
_cell.angle_alpha   90.00
_cell.angle_beta   90.00
_cell.angle_gamma   120.00
#
_symmetry.space_group_name_H-M   'P 32'
#
loop_
_entity.id
_entity.type
_entity.pdbx_description
1 polymer COLICIN-E7
2 non-polymer 'ZINC ION'
3 non-polymer 'CHLORIDE ION'
4 non-polymer 'SULFATE ION'
5 non-polymer 'ACETATE ION'
6 water water
#
_entity_poly.entity_id   1
_entity_poly.type   'polypeptide(L)'
_entity_poly.pdbx_seq_one_letter_code
;GPLGSPEFPGKATGKGKPVNNKWLNNAGKDLGSPVPDRIANKLRDKEFKSFDDFRKKFWEEVSKDPELSKQFSRNNNDRM
KVGKAPKTRTQDVSGKRTSFELHHEKPISQNGGVYDMDNISVVTPKRHIDIHQVN
;
_entity_poly.pdbx_strand_id   A,B
#
loop_
_chem_comp.id
_chem_comp.type
_chem_comp.name
_chem_comp.formula
ACT non-polymer 'ACETATE ION' 'C2 H3 O2 -1'
CL non-polymer 'CHLORIDE ION' 'Cl -1'
SO4 non-polymer 'SULFATE ION' 'O4 S -2'
ZN non-polymer 'ZINC ION' 'Zn 2'
#
# COMPACT_ATOMS: atom_id res chain seq x y z
N SER A 5 -22.86 -25.24 -3.87
CA SER A 5 -22.62 -25.70 -2.51
C SER A 5 -22.07 -24.64 -1.53
N PRO A 6 -21.59 -23.48 -2.04
CA PRO A 6 -21.18 -22.48 -1.04
C PRO A 6 -22.40 -21.78 -0.41
N GLU A 7 -23.59 -22.18 -0.83
CA GLU A 7 -24.83 -21.58 -0.35
C GLU A 7 -25.38 -22.33 0.86
N PHE A 8 -24.63 -23.31 1.36
CA PHE A 8 -25.07 -24.14 2.48
C PHE A 8 -24.02 -24.20 3.60
N PRO A 9 -24.45 -24.46 4.84
CA PRO A 9 -23.57 -24.36 6.00
C PRO A 9 -22.47 -25.41 6.09
N GLY A 10 -21.52 -25.17 7.00
CA GLY A 10 -20.63 -26.20 7.56
C GLY A 10 -19.59 -25.59 8.50
N LYS A 11 -18.57 -26.38 8.88
CA LYS A 11 -17.67 -26.02 9.96
C LYS A 11 -16.27 -25.85 9.42
N ALA A 12 -15.65 -24.72 9.74
CA ALA A 12 -14.32 -24.42 9.19
C ALA A 12 -13.27 -25.33 9.81
N THR A 13 -12.37 -25.79 8.96
CA THR A 13 -11.25 -26.62 9.39
C THR A 13 -9.98 -26.12 8.76
N GLY A 14 -8.86 -26.68 9.20
CA GLY A 14 -7.57 -26.37 8.60
C GLY A 14 -6.71 -25.49 9.46
N LYS A 15 -5.44 -25.41 9.07
CA LYS A 15 -4.41 -24.78 9.86
C LYS A 15 -3.97 -23.43 9.32
N GLY A 16 -4.11 -23.24 8.01
CA GLY A 16 -3.58 -22.05 7.38
C GLY A 16 -2.07 -22.12 7.38
N LYS A 17 -1.43 -20.99 7.10
CA LYS A 17 0.02 -20.93 6.94
C LYS A 17 0.59 -19.68 7.61
N PRO A 18 1.85 -19.75 8.02
CA PRO A 18 2.55 -18.54 8.45
C PRO A 18 2.58 -17.51 7.32
N VAL A 19 2.42 -16.24 7.68
CA VAL A 19 2.53 -15.15 6.72
C VAL A 19 3.35 -14.02 7.34
N ASN A 20 3.80 -13.10 6.49
CA ASN A 20 4.57 -11.94 6.95
C ASN A 20 3.91 -10.65 6.52
N ASN A 21 4.66 -9.56 6.61
CA ASN A 21 4.16 -8.23 6.29
C ASN A 21 3.92 -8.00 4.81
N LYS A 22 4.17 -9.03 3.99
CA LYS A 22 3.96 -8.97 2.55
C LYS A 22 2.85 -9.94 2.09
N TRP A 23 1.99 -10.23 3.06
N TRP A 23 1.97 -10.39 2.97
CA TRP A 23 0.73 -10.89 2.80
CA TRP A 23 1.00 -11.51 2.71
C TRP A 23 -0.11 -10.05 1.86
C TRP A 23 0.38 -11.76 1.28
N LEU A 24 -0.30 -10.74 0.78
CA LEU A 24 -1.13 -10.61 -0.42
C LEU A 24 -0.35 -10.08 -1.61
N ASN A 25 0.95 -9.86 -1.42
CA ASN A 25 1.80 -9.38 -2.50
C ASN A 25 1.77 -10.31 -3.71
N ASN A 26 1.58 -11.60 -3.47
CA ASN A 26 1.53 -12.58 -4.56
C ASN A 26 0.15 -13.18 -4.79
N ALA A 27 -0.88 -12.45 -4.38
CA ALA A 27 -2.26 -12.89 -4.59
C ALA A 27 -2.63 -12.85 -6.06
N GLY A 28 -1.84 -12.14 -6.88
CA GLY A 28 -2.13 -12.03 -8.30
C GLY A 28 -1.39 -13.04 -9.16
N LYS A 29 -0.66 -13.95 -8.54
CA LYS A 29 0.07 -14.98 -9.27
C LYS A 29 -0.03 -16.36 -8.63
N ASP A 30 0.28 -17.37 -9.44
CA ASP A 30 0.24 -18.75 -8.99
C ASP A 30 -1.13 -19.09 -8.42
N LEU A 31 -1.18 -19.66 -7.21
CA LEU A 31 -2.46 -20.00 -6.59
C LEU A 31 -2.86 -19.01 -5.50
N GLY A 32 -2.20 -17.87 -5.49
CA GLY A 32 -2.57 -16.81 -4.58
C GLY A 32 -1.96 -16.99 -3.20
N SER A 33 -2.58 -16.34 -2.22
CA SER A 33 -2.05 -16.26 -0.87
C SER A 33 -2.80 -17.18 0.09
N PRO A 34 -2.09 -17.77 1.05
CA PRO A 34 -2.77 -18.68 1.96
C PRO A 34 -3.61 -17.98 3.00
N VAL A 35 -4.51 -18.74 3.63
CA VAL A 35 -5.16 -18.27 4.84
C VAL A 35 -4.12 -18.23 5.94
N PRO A 36 -3.96 -17.06 6.59
CA PRO A 36 -2.95 -16.99 7.63
C PRO A 36 -3.29 -17.90 8.81
N ASP A 37 -2.28 -18.57 9.36
CA ASP A 37 -2.52 -19.48 10.47
C ASP A 37 -3.19 -18.80 11.65
N ARG A 38 -2.84 -17.55 11.88
CA ARG A 38 -3.39 -16.75 12.96
CA ARG A 38 -3.40 -16.77 12.96
C ARG A 38 -4.89 -16.54 12.77
N ILE A 39 -5.32 -16.41 11.53
CA ILE A 39 -6.73 -16.26 11.23
C ILE A 39 -7.45 -17.61 11.29
N ALA A 40 -6.80 -18.65 10.79
CA ALA A 40 -7.37 -19.99 10.89
C ALA A 40 -7.64 -20.36 12.34
N ASN A 41 -6.75 -19.96 13.25
CA ASN A 41 -6.94 -20.27 14.66
C ASN A 41 -8.22 -19.64 15.19
N LYS A 42 -8.54 -18.45 14.70
CA LYS A 42 -9.76 -17.76 15.11
C LYS A 42 -11.02 -18.43 14.55
N LEU A 43 -10.93 -18.99 13.34
CA LEU A 43 -12.12 -19.51 12.65
C LEU A 43 -12.34 -21.01 12.78
N ARG A 44 -11.31 -21.75 13.16
CA ARG A 44 -11.40 -23.20 13.11
C ARG A 44 -12.45 -23.68 14.09
N ASP A 45 -13.17 -24.73 13.68
CA ASP A 45 -14.19 -25.39 14.50
C ASP A 45 -15.40 -24.51 14.78
N LYS A 46 -15.52 -23.40 14.06
CA LYS A 46 -16.71 -22.56 14.12
C LYS A 46 -17.68 -22.91 12.99
N GLU A 47 -18.97 -22.73 13.26
CA GLU A 47 -20.01 -23.02 12.27
C GLU A 47 -20.32 -21.77 11.45
N PHE A 48 -20.53 -21.96 10.15
CA PHE A 48 -20.90 -20.87 9.25
C PHE A 48 -22.12 -21.25 8.41
N LYS A 49 -23.01 -20.29 8.19
CA LYS A 49 -24.29 -20.58 7.53
C LYS A 49 -24.09 -20.71 6.04
N SER A 50 -23.03 -20.09 5.52
CA SER A 50 -22.78 -20.03 4.10
C SER A 50 -21.33 -19.63 3.90
N PHE A 51 -20.81 -19.76 2.69
CA PHE A 51 -19.44 -19.36 2.46
C PHE A 51 -19.32 -17.84 2.54
N ASP A 52 -20.39 -17.13 2.23
CA ASP A 52 -20.34 -15.66 2.35
C ASP A 52 -20.20 -15.26 3.82
N ASP A 53 -20.87 -16.01 4.70
CA ASP A 53 -20.77 -15.80 6.13
CA ASP A 53 -20.75 -15.74 6.12
C ASP A 53 -19.32 -16.02 6.55
N PHE A 54 -18.70 -17.09 6.01
CA PHE A 54 -17.30 -17.37 6.31
C PHE A 54 -16.38 -16.25 5.82
N ARG A 55 -16.59 -15.81 4.59
CA ARG A 55 -15.76 -14.78 3.99
C ARG A 55 -15.82 -13.49 4.81
N LYS A 56 -17.02 -13.13 5.23
CA LYS A 56 -17.19 -11.96 6.09
C LYS A 56 -16.43 -12.06 7.41
N LYS A 57 -16.52 -13.21 8.06
CA LYS A 57 -15.84 -13.40 9.32
C LYS A 57 -14.33 -13.45 9.10
N PHE A 58 -13.92 -14.03 7.99
CA PHE A 58 -12.51 -14.08 7.62
C PHE A 58 -11.94 -12.67 7.56
N TRP A 59 -12.56 -11.80 6.77
CA TRP A 59 -12.02 -10.45 6.64
C TRP A 59 -12.14 -9.67 7.94
N GLU A 60 -13.20 -9.90 8.70
CA GLU A 60 -13.33 -9.27 10.01
C GLU A 60 -12.16 -9.63 10.90
N GLU A 61 -11.78 -10.91 10.92
CA GLU A 61 -10.63 -11.35 11.74
C GLU A 61 -9.31 -10.75 11.25
N VAL A 62 -9.18 -10.57 9.94
CA VAL A 62 -8.01 -9.90 9.41
C VAL A 62 -7.91 -8.48 9.98
N SER A 63 -9.04 -7.78 10.04
CA SER A 63 -9.05 -6.39 10.50
C SER A 63 -8.65 -6.30 11.98
N LYS A 64 -8.90 -7.38 12.71
CA LYS A 64 -8.59 -7.44 14.15
C LYS A 64 -7.21 -8.01 14.45
N ASP A 65 -6.49 -8.43 13.42
CA ASP A 65 -5.15 -8.99 13.62
C ASP A 65 -4.13 -7.86 13.58
N PRO A 66 -3.38 -7.67 14.69
CA PRO A 66 -2.45 -6.52 14.75
C PRO A 66 -1.39 -6.54 13.64
N GLU A 67 -0.95 -7.73 13.23
CA GLU A 67 0.06 -7.86 12.20
C GLU A 67 -0.53 -7.58 10.81
N LEU A 68 -1.66 -8.22 10.50
CA LEU A 68 -2.24 -8.08 9.16
C LEU A 68 -2.85 -6.71 8.94
N SER A 69 -3.52 -6.18 9.95
CA SER A 69 -4.25 -4.91 9.78
C SER A 69 -3.34 -3.76 9.33
N LYS A 70 -2.13 -3.73 9.85
CA LYS A 70 -1.21 -2.64 9.54
C LYS A 70 -0.67 -2.67 8.09
N GLN A 71 -0.94 -3.75 7.37
CA GLN A 71 -0.55 -3.87 5.96
C GLN A 71 -1.56 -3.20 5.04
N PHE A 72 -2.66 -2.71 5.60
CA PHE A 72 -3.77 -2.18 4.79
C PHE A 72 -4.10 -0.75 5.19
N SER A 73 -4.61 -0.01 4.22
CA SER A 73 -5.03 1.38 4.42
C SER A 73 -6.20 1.48 5.37
N ARG A 74 -6.46 2.69 5.86
CA ARG A 74 -7.61 2.90 6.73
C ARG A 74 -8.91 2.49 6.02
N ASN A 75 -9.10 2.86 4.75
CA ASN A 75 -10.39 2.50 4.14
C ASN A 75 -10.49 1.00 3.94
N ASN A 76 -9.38 0.36 3.65
CA ASN A 76 -9.42 -1.08 3.47
C ASN A 76 -9.70 -1.77 4.78
N ASN A 77 -9.16 -1.23 5.87
CA ASN A 77 -9.49 -1.73 7.19
C ASN A 77 -10.98 -1.53 7.52
N ASP A 78 -11.52 -0.38 7.14
CA ASP A 78 -12.93 -0.09 7.35
C ASP A 78 -13.80 -1.09 6.59
N ARG A 79 -13.41 -1.46 5.37
CA ARG A 79 -14.11 -2.49 4.63
C ARG A 79 -14.04 -3.83 5.37
N MET A 80 -12.84 -4.21 5.77
CA MET A 80 -12.68 -5.53 6.37
C MET A 80 -13.40 -5.64 7.72
N LYS A 81 -13.51 -4.52 8.43
CA LYS A 81 -14.22 -4.48 9.69
C LYS A 81 -15.67 -4.95 9.58
N VAL A 82 -16.26 -4.77 8.41
CA VAL A 82 -17.64 -5.19 8.19
C VAL A 82 -17.72 -6.36 7.22
N GLY A 83 -16.60 -7.04 7.02
CA GLY A 83 -16.61 -8.30 6.29
C GLY A 83 -16.35 -8.18 4.81
N LYS A 84 -16.10 -6.97 4.33
CA LYS A 84 -15.82 -6.75 2.93
C LYS A 84 -14.35 -6.97 2.65
N ALA A 85 -14.05 -7.54 1.48
CA ALA A 85 -12.68 -7.77 1.07
C ALA A 85 -11.99 -6.44 0.83
N PRO A 86 -10.71 -6.35 1.20
CA PRO A 86 -9.99 -5.14 0.83
C PRO A 86 -9.88 -4.99 -0.69
N LYS A 87 -9.70 -3.75 -1.15
CA LYS A 87 -9.57 -3.47 -2.57
C LYS A 87 -8.19 -3.85 -3.04
N THR A 88 -8.09 -4.29 -4.29
CA THR A 88 -6.82 -4.67 -4.87
C THR A 88 -6.18 -3.46 -5.51
N ARG A 89 -4.92 -3.58 -5.89
CA ARG A 89 -4.28 -2.60 -6.74
C ARG A 89 -5.14 -2.47 -7.98
N THR A 90 -5.17 -1.29 -8.60
CA THR A 90 -6.02 -1.07 -9.76
C THR A 90 -5.70 -2.02 -10.90
N GLN A 91 -4.42 -2.39 -11.02
CA GLN A 91 -4.00 -3.22 -12.13
C GLN A 91 -4.46 -4.66 -12.02
N ASP A 92 -5.07 -5.00 -10.87
CA ASP A 92 -5.45 -6.39 -10.58
C ASP A 92 -6.96 -6.62 -10.55
N VAL A 93 -7.72 -5.60 -10.90
CA VAL A 93 -9.17 -5.74 -10.94
C VAL A 93 -9.57 -6.39 -12.25
N SER A 94 -10.81 -6.86 -12.31
CA SER A 94 -11.40 -7.27 -13.57
C SER A 94 -12.85 -6.87 -13.57
N GLY A 95 -13.18 -5.87 -14.38
CA GLY A 95 -14.54 -5.33 -14.43
C GLY A 95 -14.93 -4.65 -13.13
N LYS A 96 -16.10 -5.00 -12.60
CA LYS A 96 -16.56 -4.45 -11.34
C LYS A 96 -16.07 -5.25 -10.14
N ARG A 97 -15.23 -6.25 -10.41
CA ARG A 97 -14.59 -7.01 -9.34
C ARG A 97 -13.28 -6.33 -8.98
N THR A 98 -13.29 -5.64 -7.85
CA THR A 98 -12.20 -4.73 -7.51
C THR A 98 -11.56 -5.04 -6.17
N SER A 99 -11.95 -6.16 -5.56
CA SER A 99 -11.43 -6.53 -4.24
C SER A 99 -11.04 -8.00 -4.23
N PHE A 100 -10.18 -8.35 -3.28
CA PHE A 100 -9.66 -9.72 -3.23
C PHE A 100 -10.77 -10.72 -3.08
N GLU A 101 -10.55 -11.88 -3.69
CA GLU A 101 -11.52 -12.97 -3.71
C GLU A 101 -10.93 -14.21 -3.06
N LEU A 102 -11.81 -15.10 -2.58
CA LEU A 102 -11.35 -16.38 -2.03
C LEU A 102 -11.55 -17.46 -3.09
N HIS A 103 -10.59 -18.37 -3.15
CA HIS A 103 -10.54 -19.41 -4.17
C HIS A 103 -10.35 -20.77 -3.50
N HIS A 104 -11.05 -21.78 -4.01
CA HIS A 104 -10.85 -23.12 -3.54
C HIS A 104 -9.87 -23.84 -4.44
N GLU A 105 -8.77 -24.27 -3.86
CA GLU A 105 -7.65 -24.85 -4.60
CA GLU A 105 -7.67 -24.83 -4.62
C GLU A 105 -8.06 -26.17 -5.25
N LYS A 106 -8.52 -27.09 -4.41
CA LYS A 106 -9.17 -28.29 -4.92
C LYS A 106 -10.63 -27.87 -5.07
N PRO A 107 -11.16 -27.91 -6.29
CA PRO A 107 -12.50 -27.38 -6.55
C PRO A 107 -13.60 -28.05 -5.72
N ILE A 108 -14.64 -27.29 -5.39
CA ILE A 108 -15.80 -27.78 -4.66
C ILE A 108 -16.36 -29.00 -5.37
N SER A 109 -16.38 -28.89 -6.71
CA SER A 109 -16.75 -29.97 -7.61
C SER A 109 -16.06 -31.31 -7.35
N GLN A 110 -14.81 -31.27 -6.89
CA GLN A 110 -14.00 -32.47 -6.74
C GLN A 110 -13.81 -32.83 -5.28
N ASN A 111 -14.80 -32.44 -4.48
CA ASN A 111 -14.85 -32.72 -3.05
CA ASN A 111 -14.85 -32.72 -3.06
C ASN A 111 -13.83 -31.94 -2.25
N GLY A 112 -13.35 -30.84 -2.81
CA GLY A 112 -12.52 -29.96 -2.03
C GLY A 112 -13.44 -29.31 -1.03
N GLY A 113 -12.97 -29.17 0.20
CA GLY A 113 -13.78 -28.64 1.27
C GLY A 113 -14.11 -27.18 1.05
N VAL A 114 -15.40 -26.84 1.23
CA VAL A 114 -15.86 -25.46 1.13
C VAL A 114 -15.28 -24.62 2.25
N TYR A 115 -15.20 -25.16 3.46
CA TYR A 115 -14.72 -24.43 4.63
C TYR A 115 -13.37 -24.93 5.14
N ASP A 116 -12.64 -25.65 4.29
CA ASP A 116 -11.31 -26.13 4.63
C ASP A 116 -10.32 -25.03 4.31
N MET A 117 -9.80 -24.40 5.34
CA MET A 117 -8.96 -23.22 5.17
C MET A 117 -7.62 -23.59 4.54
N ASP A 118 -7.29 -24.87 4.57
CA ASP A 118 -6.10 -25.33 3.85
C ASP A 118 -6.41 -25.58 2.38
N ASN A 119 -7.67 -25.38 1.99
CA ASN A 119 -8.09 -25.45 0.60
C ASN A 119 -8.52 -24.08 0.05
N ILE A 120 -8.25 -23.04 0.83
CA ILE A 120 -8.71 -21.71 0.48
C ILE A 120 -7.50 -20.79 0.30
N SER A 121 -7.50 -20.02 -0.78
CA SER A 121 -6.47 -19.02 -1.01
C SER A 121 -7.11 -17.68 -1.37
N VAL A 122 -6.32 -16.61 -1.24
CA VAL A 122 -6.77 -15.27 -1.54
C VAL A 122 -6.14 -14.87 -2.87
N VAL A 123 -6.98 -14.44 -3.80
CA VAL A 123 -6.52 -14.09 -5.15
C VAL A 123 -7.09 -12.75 -5.59
N THR A 124 -6.38 -12.09 -6.50
CA THR A 124 -6.95 -10.93 -7.15
C THR A 124 -8.07 -11.38 -8.10
N PRO A 125 -9.01 -10.50 -8.40
CA PRO A 125 -10.05 -10.88 -9.37
C PRO A 125 -9.47 -11.30 -10.72
N LYS A 126 -8.44 -10.60 -11.15
CA LYS A 126 -7.78 -10.91 -12.41
C LYS A 126 -7.18 -12.30 -12.41
N ARG A 127 -6.49 -12.68 -11.33
CA ARG A 127 -5.84 -13.97 -11.24
C ARG A 127 -6.86 -15.10 -11.07
N HIS A 128 -7.96 -14.77 -10.40
CA HIS A 128 -8.94 -15.78 -10.06
C HIS A 128 -9.47 -16.42 -11.35
N ILE A 129 -9.83 -15.56 -12.29
CA ILE A 129 -10.28 -15.97 -13.63
C ILE A 129 -9.31 -16.93 -14.33
N ASP A 130 -8.03 -16.60 -14.33
CA ASP A 130 -7.06 -17.41 -15.06
C ASP A 130 -7.01 -18.82 -14.53
N ILE A 131 -7.17 -18.97 -13.22
CA ILE A 131 -7.15 -20.29 -12.62
C ILE A 131 -8.39 -21.04 -13.08
N HIS A 132 -9.45 -20.29 -13.37
CA HIS A 132 -10.69 -20.87 -13.88
C HIS A 132 -10.72 -20.82 -15.41
N SER B 5 15.77 29.91 -9.64
CA SER B 5 15.58 28.94 -10.71
C SER B 5 16.02 27.54 -10.25
N PRO B 6 15.20 26.52 -10.54
CA PRO B 6 15.58 25.16 -10.12
C PRO B 6 16.69 24.57 -10.99
N GLU B 7 17.11 25.32 -12.00
CA GLU B 7 18.12 24.86 -12.94
C GLU B 7 19.53 25.20 -12.48
N PHE B 8 19.64 25.85 -11.33
CA PHE B 8 20.94 26.35 -10.85
C PHE B 8 21.22 25.84 -9.44
N PRO B 9 22.51 25.74 -9.07
CA PRO B 9 22.91 25.10 -7.81
C PRO B 9 22.52 25.85 -6.54
N GLY B 10 22.64 25.15 -5.41
CA GLY B 10 22.35 25.72 -4.11
C GLY B 10 22.69 24.72 -3.02
N LYS B 11 22.58 25.16 -1.77
CA LYS B 11 22.91 24.32 -0.63
C LYS B 11 21.65 24.15 0.20
N ALA B 12 21.35 22.90 0.52
CA ALA B 12 20.11 22.59 1.21
C ALA B 12 20.14 23.07 2.64
N THR B 13 19.01 23.60 3.09
CA THR B 13 18.85 24.07 4.46
C THR B 13 17.54 23.54 5.00
N GLY B 14 17.31 23.73 6.29
CA GLY B 14 16.03 23.38 6.89
C GLY B 14 16.07 22.14 7.73
N LYS B 15 15.03 21.99 8.57
CA LYS B 15 14.94 20.94 9.56
C LYS B 15 14.01 19.82 9.17
N GLY B 16 13.00 20.12 8.36
CA GLY B 16 11.98 19.14 8.04
C GLY B 16 11.13 18.91 9.27
N LYS B 17 10.32 17.86 9.24
CA LYS B 17 9.35 17.58 10.31
C LYS B 17 9.37 16.11 10.68
N PRO B 18 8.99 15.81 11.93
CA PRO B 18 8.74 14.42 12.29
C PRO B 18 7.63 13.82 11.44
N VAL B 19 7.78 12.54 11.10
CA VAL B 19 6.75 11.83 10.35
C VAL B 19 6.59 10.44 10.93
N ASN B 20 5.47 9.81 10.58
CA ASN B 20 5.19 8.46 11.05
C ASN B 20 5.03 7.50 9.89
N ASN B 21 4.39 6.36 10.13
CA ASN B 21 4.25 5.31 9.13
CA ASN B 21 4.24 5.31 9.14
C ASN B 21 3.14 5.62 8.11
N LYS B 22 2.56 6.82 8.22
CA LYS B 22 1.50 7.28 7.32
C LYS B 22 1.96 8.47 6.49
N TRP B 23 3.28 8.57 6.40
N TRP B 23 3.25 8.75 6.41
CA TRP B 23 3.92 9.47 5.48
CA TRP B 23 3.79 10.03 5.84
C TRP B 23 3.51 9.16 4.06
C TRP B 23 3.05 10.84 4.71
N LEU B 24 3.02 10.24 3.54
CA LEU B 24 2.40 10.59 2.26
C LEU B 24 0.91 10.33 2.11
N ASN B 25 0.27 9.84 3.16
CA ASN B 25 -1.18 9.62 3.14
C ASN B 25 -1.93 10.90 2.80
N ASN B 26 -1.39 12.03 3.22
CA ASN B 26 -2.06 13.32 3.01
C ASN B 26 -1.35 14.18 1.96
N ALA B 27 -0.61 13.54 1.07
CA ALA B 27 0.10 14.27 0.02
C ALA B 27 -0.85 14.76 -1.07
N GLY B 28 -2.09 14.25 -1.07
CA GLY B 28 -3.08 14.66 -2.05
C GLY B 28 -4.01 15.75 -1.54
N LYS B 29 -3.73 16.26 -0.36
CA LYS B 29 -4.57 17.31 0.22
C LYS B 29 -3.76 18.43 0.87
N ASP B 30 -4.40 19.57 1.03
CA ASP B 30 -3.78 20.72 1.67
C ASP B 30 -2.47 21.07 0.96
N LEU B 31 -1.38 21.26 1.70
CA LEU B 31 -0.10 21.57 1.07
C LEU B 31 0.83 20.36 1.04
N GLY B 32 0.24 19.19 1.23
CA GLY B 32 1.00 17.96 1.07
C GLY B 32 1.79 17.58 2.31
N SER B 33 2.80 16.74 2.10
CA SER B 33 3.54 16.11 3.16
C SER B 33 4.90 16.76 3.34
N PRO B 34 5.37 16.87 4.58
CA PRO B 34 6.63 17.58 4.80
C PRO B 34 7.85 16.73 4.46
N VAL B 35 8.99 17.40 4.32
CA VAL B 35 10.26 16.68 4.28
C VAL B 35 10.52 16.09 5.65
N PRO B 36 10.77 14.77 5.71
CA PRO B 36 11.01 14.15 7.02
C PRO B 36 12.28 14.67 7.65
N ASP B 37 12.24 14.89 8.97
CA ASP B 37 13.40 15.46 9.64
C ASP B 37 14.63 14.57 9.49
N ARG B 38 14.40 13.27 9.49
CA ARG B 38 15.48 12.28 9.33
C ARG B 38 16.17 12.41 7.97
N ILE B 39 15.39 12.72 6.94
CA ILE B 39 15.94 12.96 5.62
C ILE B 39 16.65 14.32 5.52
N ALA B 40 16.03 15.34 6.08
CA ALA B 40 16.64 16.66 6.12
C ALA B 40 18.04 16.61 6.77
N ASN B 41 18.18 15.79 7.80
CA ASN B 41 19.45 15.70 8.53
C ASN B 41 20.56 15.23 7.61
N LYS B 42 20.21 14.36 6.69
CA LYS B 42 21.17 13.81 5.75
C LYS B 42 21.48 14.72 4.57
N LEU B 43 20.54 15.60 4.21
CA LEU B 43 20.72 16.47 3.06
C LEU B 43 21.21 17.87 3.43
N ARG B 44 21.07 18.25 4.70
CA ARG B 44 21.33 19.62 5.10
C ARG B 44 22.81 19.93 4.94
N ASP B 45 23.09 21.14 4.46
CA ASP B 45 24.43 21.68 4.29
C ASP B 45 25.20 20.99 3.17
N LYS B 46 24.49 20.22 2.34
CA LYS B 46 25.07 19.63 1.13
C LYS B 46 24.79 20.50 -0.06
N GLU B 47 25.74 20.55 -0.98
CA GLU B 47 25.58 21.32 -2.21
C GLU B 47 24.93 20.47 -3.30
N PHE B 48 24.02 21.06 -4.05
CA PHE B 48 23.34 20.38 -5.14
C PHE B 48 23.45 21.19 -6.41
N LYS B 49 23.65 20.51 -7.53
CA LYS B 49 23.92 21.18 -8.79
C LYS B 49 22.65 21.73 -9.42
N SER B 50 21.50 21.19 -9.03
CA SER B 50 20.21 21.58 -9.59
C SER B 50 19.12 21.04 -8.67
N PHE B 51 17.88 21.51 -8.82
CA PHE B 51 16.83 20.97 -7.98
C PHE B 51 16.57 19.49 -8.33
N ASP B 52 16.80 19.10 -9.58
CA ASP B 52 16.64 17.70 -9.95
C ASP B 52 17.67 16.85 -9.24
N ASP B 53 18.86 17.41 -9.05
CA ASP B 53 19.92 16.74 -8.32
C ASP B 53 19.44 16.53 -6.88
N PHE B 54 18.85 17.57 -6.29
CA PHE B 54 18.29 17.48 -4.95
C PHE B 54 17.18 16.43 -4.84
N ARG B 55 16.26 16.47 -5.79
CA ARG B 55 15.14 15.55 -5.78
C ARG B 55 15.60 14.11 -5.83
N LYS B 56 16.60 13.84 -6.65
CA LYS B 56 17.13 12.48 -6.73
C LYS B 56 17.76 12.01 -5.43
N LYS B 57 18.57 12.86 -4.80
CA LYS B 57 19.20 12.51 -3.54
C LYS B 57 18.15 12.38 -2.43
N PHE B 58 17.12 13.21 -2.47
CA PHE B 58 16.01 13.13 -1.52
C PHE B 58 15.39 11.75 -1.57
N TRP B 59 14.95 11.32 -2.75
CA TRP B 59 14.32 10.00 -2.81
C TRP B 59 15.30 8.87 -2.50
N GLU B 60 16.58 9.02 -2.88
CA GLU B 60 17.56 8.01 -2.53
C GLU B 60 17.68 7.88 -1.01
N GLU B 61 17.69 9.00 -0.30
CA GLU B 61 17.75 8.95 1.16
C GLU B 61 16.49 8.32 1.77
N VAL B 62 15.34 8.56 1.15
CA VAL B 62 14.13 7.92 1.59
C VAL B 62 14.26 6.41 1.47
N SER B 63 14.86 5.95 0.37
CA SER B 63 14.95 4.51 0.14
C SER B 63 15.90 3.88 1.18
N LYS B 64 16.80 4.69 1.72
CA LYS B 64 17.78 4.22 2.71
C LYS B 64 17.33 4.37 4.16
N ASP B 65 16.16 4.97 4.36
CA ASP B 65 15.67 5.18 5.72
C ASP B 65 14.88 3.94 6.13
N PRO B 66 15.27 3.28 7.24
CA PRO B 66 14.60 2.03 7.61
C PRO B 66 13.09 2.19 7.88
N GLU B 67 12.68 3.33 8.41
CA GLU B 67 11.26 3.55 8.70
C GLU B 67 10.44 3.96 7.48
N LEU B 68 10.99 4.86 6.65
CA LEU B 68 10.26 5.30 5.46
C LEU B 68 10.19 4.20 4.40
N SER B 69 11.30 3.52 4.14
CA SER B 69 11.34 2.54 3.06
C SER B 69 10.30 1.43 3.23
N LYS B 70 10.02 1.04 4.46
CA LYS B 70 9.06 -0.04 4.69
C LYS B 70 7.60 0.36 4.39
N GLN B 71 7.35 1.64 4.16
CA GLN B 71 6.01 2.13 3.81
C GLN B 71 5.75 2.01 2.32
N PHE B 72 6.72 1.52 1.56
CA PHE B 72 6.63 1.48 0.11
C PHE B 72 6.91 0.05 -0.41
N SER B 73 6.28 -0.26 -1.53
CA SER B 73 6.46 -1.53 -2.23
C SER B 73 7.89 -1.72 -2.74
N ARG B 74 8.22 -2.96 -3.12
CA ARG B 74 9.56 -3.21 -3.64
C ARG B 74 9.80 -2.38 -4.90
N ASN B 75 8.83 -2.28 -5.80
CA ASN B 75 9.08 -1.52 -7.03
C ASN B 75 9.28 -0.04 -6.75
N ASN B 76 8.52 0.49 -5.80
CA ASN B 76 8.67 1.89 -5.44
C ASN B 76 10.02 2.13 -4.77
N ASN B 77 10.46 1.17 -3.96
CA ASN B 77 11.79 1.25 -3.38
C ASN B 77 12.89 1.21 -4.45
N ASP B 78 12.70 0.38 -5.47
CA ASP B 78 13.65 0.31 -6.58
C ASP B 78 13.70 1.64 -7.32
N ARG B 79 12.56 2.29 -7.50
CA ARG B 79 12.54 3.63 -8.10
C ARG B 79 13.34 4.61 -7.24
N MET B 80 13.05 4.63 -5.95
CA MET B 80 13.65 5.62 -5.10
C MET B 80 15.15 5.43 -4.96
N LYS B 81 15.59 4.17 -5.04
CA LYS B 81 16.99 3.84 -4.96
C LYS B 81 17.83 4.54 -6.03
N VAL B 82 17.19 4.87 -7.15
CA VAL B 82 17.88 5.57 -8.23
C VAL B 82 17.40 7.01 -8.39
N GLY B 83 16.73 7.53 -7.37
CA GLY B 83 16.34 8.92 -7.34
C GLY B 83 15.02 9.26 -7.98
N LYS B 84 14.28 8.25 -8.43
CA LYS B 84 12.93 8.45 -8.95
C LYS B 84 11.89 8.47 -7.85
N ALA B 85 10.90 9.35 -8.00
CA ALA B 85 9.83 9.44 -7.05
C ALA B 85 8.98 8.17 -7.08
N PRO B 86 8.47 7.76 -5.92
CA PRO B 86 7.55 6.63 -5.94
C PRO B 86 6.26 6.96 -6.68
N LYS B 87 5.61 5.92 -7.19
CA LYS B 87 4.36 6.07 -7.92
C LYS B 87 3.27 6.35 -6.91
N THR B 88 2.31 7.17 -7.32
CA THR B 88 1.16 7.47 -6.48
C THR B 88 0.08 6.44 -6.69
N ARG B 89 -0.93 6.47 -5.84
CA ARG B 89 -2.15 5.72 -6.10
C ARG B 89 -2.66 6.18 -7.46
N THR B 90 -3.34 5.29 -8.18
CA THR B 90 -3.83 5.62 -9.52
C THR B 90 -4.75 6.81 -9.50
N GLN B 91 -5.51 6.95 -8.42
CA GLN B 91 -6.52 8.00 -8.34
C GLN B 91 -5.89 9.40 -8.22
N ASP B 92 -4.60 9.44 -7.96
CA ASP B 92 -3.91 10.69 -7.67
C ASP B 92 -2.99 11.17 -8.78
N VAL B 93 -3.00 10.47 -9.90
CA VAL B 93 -2.14 10.83 -11.01
C VAL B 93 -2.79 11.94 -11.82
N SER B 94 -2.02 12.52 -12.73
CA SER B 94 -2.57 13.40 -13.75
C SER B 94 -1.75 13.26 -15.01
N GLY B 95 -2.27 12.50 -15.97
CA GLY B 95 -1.61 12.29 -17.25
C GLY B 95 -0.38 11.42 -17.16
N LYS B 96 0.73 11.90 -17.76
CA LYS B 96 1.99 11.21 -17.70
C LYS B 96 2.67 11.38 -16.35
N ARG B 97 2.03 12.15 -15.48
CA ARG B 97 2.54 12.43 -14.14
C ARG B 97 1.91 11.46 -13.15
N THR B 98 2.69 10.47 -12.75
CA THR B 98 2.14 9.34 -12.01
C THR B 98 2.92 9.08 -10.73
N SER B 99 3.81 10.00 -10.38
CA SER B 99 4.66 9.82 -9.21
C SER B 99 4.68 11.10 -8.39
N PHE B 100 4.98 10.98 -7.10
CA PHE B 100 4.96 12.13 -6.22
C PHE B 100 5.91 13.22 -6.71
N GLU B 101 5.49 14.46 -6.47
CA GLU B 101 6.24 15.63 -6.89
C GLU B 101 6.59 16.48 -5.67
N LEU B 102 7.63 17.29 -5.82
CA LEU B 102 8.04 18.19 -4.76
C LEU B 102 7.53 19.59 -5.12
N HIS B 103 7.08 20.30 -4.10
CA HIS B 103 6.46 21.62 -4.28
C HIS B 103 7.06 22.61 -3.31
N HIS B 104 7.26 23.83 -3.80
CA HIS B 104 7.71 24.91 -2.95
C HIS B 104 6.53 25.70 -2.40
N GLU B 105 6.44 25.73 -1.08
CA GLU B 105 5.29 26.31 -0.38
C GLU B 105 5.24 27.82 -0.64
N LYS B 106 6.31 28.51 -0.27
CA LYS B 106 6.51 29.89 -0.70
C LYS B 106 7.16 29.80 -2.07
N PRO B 107 6.47 30.29 -3.12
CA PRO B 107 6.99 30.11 -4.47
C PRO B 107 8.40 30.64 -4.63
N ILE B 108 9.16 30.01 -5.50
CA ILE B 108 10.52 30.42 -5.81
C ILE B 108 10.52 31.87 -6.25
N SER B 109 9.47 32.24 -6.98
CA SER B 109 9.36 33.59 -7.54
C SER B 109 9.06 34.66 -6.48
N GLN B 110 8.80 34.24 -5.25
CA GLN B 110 8.57 35.16 -4.14
C GLN B 110 9.68 35.01 -3.10
N ASN B 111 10.83 34.58 -3.59
CA ASN B 111 12.03 34.34 -2.79
CA ASN B 111 12.03 34.35 -2.76
C ASN B 111 11.92 33.18 -1.82
N GLY B 112 11.00 32.25 -2.11
CA GLY B 112 11.00 31.03 -1.35
C GLY B 112 12.25 30.26 -1.74
N GLY B 113 12.90 29.65 -0.76
CA GLY B 113 14.13 28.93 -0.99
C GLY B 113 13.93 27.70 -1.85
N VAL B 114 14.78 27.55 -2.87
CA VAL B 114 14.75 26.39 -3.76
C VAL B 114 15.18 25.13 -3.02
N TYR B 115 16.18 25.24 -2.17
CA TYR B 115 16.72 24.09 -1.43
C TYR B 115 16.40 24.15 0.06
N ASP B 116 15.43 24.98 0.42
CA ASP B 116 15.00 25.13 1.81
C ASP B 116 13.98 24.02 2.10
N MET B 117 14.39 23.04 2.87
CA MET B 117 13.57 21.85 3.04
C MET B 117 12.34 22.15 3.88
N ASP B 118 12.34 23.29 4.55
CA ASP B 118 11.16 23.74 5.28
C ASP B 118 10.22 24.51 4.35
N ASN B 119 10.61 24.63 3.08
CA ASN B 119 9.77 25.25 2.07
C ASN B 119 9.34 24.23 1.02
N ILE B 120 9.64 22.96 1.29
CA ILE B 120 9.40 21.90 0.33
C ILE B 120 8.39 20.90 0.92
N SER B 121 7.42 20.52 0.12
CA SER B 121 6.47 19.47 0.51
C SER B 121 6.34 18.46 -0.63
N VAL B 122 5.82 17.30 -0.28
CA VAL B 122 5.59 16.23 -1.26
C VAL B 122 4.12 16.20 -1.56
N VAL B 123 3.77 16.26 -2.83
CA VAL B 123 2.39 16.28 -3.29
C VAL B 123 2.12 15.26 -4.37
N THR B 124 0.86 14.85 -4.50
CA THR B 124 0.47 14.07 -5.66
C THR B 124 0.43 14.98 -6.90
N PRO B 125 0.60 14.40 -8.09
CA PRO B 125 0.53 15.25 -9.29
C PRO B 125 -0.81 15.94 -9.43
N LYS B 126 -1.87 15.28 -8.99
CA LYS B 126 -3.20 15.87 -9.05
C LYS B 126 -3.32 17.07 -8.14
N ARG B 127 -2.83 16.93 -6.91
CA ARG B 127 -2.90 18.00 -5.93
C ARG B 127 -1.98 19.16 -6.29
N HIS B 128 -0.87 18.85 -6.95
CA HIS B 128 0.11 19.87 -7.27
C HIS B 128 -0.49 20.89 -8.23
N ILE B 129 -1.08 20.35 -9.30
CA ILE B 129 -1.81 21.15 -10.30
C ILE B 129 -2.81 22.11 -9.69
N ASP B 130 -3.47 21.71 -8.61
CA ASP B 130 -4.47 22.56 -7.97
C ASP B 130 -3.83 23.76 -7.30
N ILE B 131 -2.72 23.53 -6.61
CA ILE B 131 -2.01 24.60 -5.95
C ILE B 131 -1.34 25.49 -7.00
N HIS B 132 -1.35 25.03 -8.25
CA HIS B 132 -0.85 25.82 -9.38
C HIS B 132 -1.93 26.03 -10.43
ZN ZN C . -11.76 -20.08 -7.57
CL CL D . -8.06 -30.02 10.37
S SO4 E . -3.48 1.65 -6.80
O1 SO4 E . -4.35 1.59 -5.62
O2 SO4 E . -2.24 2.34 -6.47
O3 SO4 E . -4.18 2.33 -7.87
O4 SO4 E . -3.13 0.31 -7.26
S SO4 F . -16.80 -28.80 3.98
O1 SO4 F . -17.98 -28.49 4.78
O2 SO4 F . -15.75 -27.84 4.29
O3 SO4 F . -17.14 -28.72 2.58
O4 SO4 F . -16.31 -30.15 4.32
S SO4 G . -14.21 -20.74 -5.96
O1 SO4 G . -15.15 -21.82 -6.24
O2 SO4 G . -14.41 -20.33 -4.56
O3 SO4 G . -14.49 -19.58 -6.80
O4 SO4 G . -12.87 -21.22 -6.06
S SO4 H . -15.35 -13.85 -2.70
O1 SO4 H . -16.45 -14.72 -2.27
O2 SO4 H . -14.97 -12.96 -1.61
O3 SO4 H . -15.76 -13.05 -3.84
O4 SO4 H . -14.21 -14.66 -3.06
S SO4 I . -7.40 3.45 -0.30
O1 SO4 I . -8.79 3.89 -0.49
O2 SO4 I . -6.71 4.37 0.60
O3 SO4 I . -6.74 3.40 -1.59
O4 SO4 I . -7.38 2.11 0.29
ZN ZN J . 4.51 23.53 -6.81
CL CL K . 18.23 26.31 8.69
S SO4 L . 7.31 24.10 -7.67
O1 SO4 L . 6.48 24.29 -6.50
O2 SO4 L . 7.82 25.38 -8.13
O3 SO4 L . 6.59 23.41 -8.72
O4 SO4 L . 8.48 23.30 -7.26
S SO4 M . 18.15 28.74 -1.99
O1 SO4 M . 17.62 27.56 -1.31
O2 SO4 M . 18.37 29.82 -1.01
O3 SO4 M . 17.20 29.17 -2.99
O4 SO4 M . 19.42 28.38 -2.61
S SO4 N . 3.72 -1.40 -7.25
O1 SO4 N . 2.33 -1.01 -7.40
O2 SO4 N . 4.41 -0.37 -6.47
O3 SO4 N . 4.34 -1.51 -8.58
O4 SO4 N . 3.84 -2.67 -6.56
S SO4 O . 9.43 16.76 -9.13
O1 SO4 O . 8.44 17.63 -8.54
O2 SO4 O . 9.98 15.93 -8.08
O3 SO4 O . 10.48 17.56 -9.75
O4 SO4 O . 8.79 15.92 -10.14
C ACT P . 13.99 10.80 -13.36
O ACT P . 14.84 11.30 -12.60
OXT ACT P . 12.85 10.61 -12.85
CH3 ACT P . 14.28 10.46 -14.78
H1 ACT P . 15.32 10.70 -15.01
H2 ACT P . 14.13 9.38 -14.94
H3 ACT P . 13.62 11.03 -15.44
C ACT Q . 6.92 30.23 -9.55
O ACT Q . 7.68 30.23 -8.56
OXT ACT Q . 7.33 29.70 -10.60
CH3 ACT Q . 5.55 30.84 -9.48
H1 ACT Q . 5.39 31.26 -8.49
H2 ACT Q . 5.47 31.64 -10.23
H3 ACT Q . 4.79 30.09 -9.70
#